data_7YWO
#
_entry.id   7YWO
#
loop_
_entity.id
_entity.type
_entity.pdbx_description
1 polymer 'DNA (50-MER)'
2 polymer 'DNA (50-MER)'
3 polymer 'DNA (50-MER)'
4 polymer 'DNA (50-MER)'
5 polymer 'DNA (50-MER)'
6 polymer 'DNA (50-MER)'
#
loop_
_entity_poly.entity_id
_entity_poly.type
_entity_poly.pdbx_seq_one_letter_code
_entity_poly.pdbx_strand_id
1 'polydeoxyribonucleotide'
;(DA)(DG)(DC)(DG)(DA)(DA)(DC)(DG)(DT)(DG)(DG)(DA)(DT)(DT)(DT)(DT)(DG)(DT)(DC)(DC)
(DG)(DA)(DC)(DA)(DT)(DC)(DG)(DG)(DC)(DA)(DA)(DG)(DC)(DT)(DC)(DC)(DC)(DT)(DT)(DT)
(DT)(DT)(DC)(DG)(DA)(DC)(DT)(DA)(DT)(DT)
;
A
2 'polydeoxyribonucleotide'
;(DC)(DC)(DG)(DA)(DT)(DG)(DT)(DC)(DG)(DG)(DA)(DC)(DT)(DT)(DT)(DT)(DA)(DC)(DA)(DC)
(DG)(DA)(DT)(DC)(DT)(DT)(DC)(DG)(DC)(DC)(DT)(DG)(DC)(DT)(DG)(DG)(DG)(DT)(DT)(DT)
(DT)(DG)(DG)(DG)(DA)(DG)(DC)(DT)(DT)(DG)
;
B
3 'polydeoxyribonucleotide'
;(DC)(DG)(DA)(DA)(DG)(DA)(DT)(DC)(DG)(DT)(DG)(DT)(DT)(DT)(DT)(DT)(DC)(DC)(DA)(DC)
(DA)(DG)(DT)(DT)(DG)(DA)(DT)(DT)(DG)(DC)(DC)(DC)(DT)(DT)(DC)(DA)(DC)(DT)(DT)(DT)
(DT)(DC)(DC)(DC)(DA)(DG)(DC)(DA)(DG)(DG)
;
C
4 'polydeoxyribonucleotide'
;(DA)(DA)(DT)(DC)(DA)(DA)(DC)(DT)(DG)(DT)(DG)(DG)(DT)(DT)(DT)(DT)(DT)(DC)(DT)(DC)
(DA)(DC)(DT)(DG)(DG)(DT)(DG)(DA)(DT)(DT)(DA)(DG)(DA)(DA)(DT)(DG)(DC)(DT)(DT)(DT)
(DT)(DG)(DT)(DG)(DA)(DA)(DG)(DG)(DG)(DC)
;
D
5 'polydeoxyribonucleotide'
;(DT)(DC)(DA)(DC)(DC)(DA)(DG)(DT)(DG)(DA)(DG)(DA)(DT)(DT)(DT)(DT)(DT)(DG)(DT)(DC)
(DG)(DT)(DA)(DC)(DC)(DA)(DG)(DG)(DT)(DG)(DC)(DA)(DT)(DG)(DG)(DA)(DT)(DT)(DT)(DT)
(DT)(DG)(DC)(DA)(DT)(DT)(DC)(DT)(DA)(DA)
;
E
6 'polydeoxyribonucleotide'
;(DC)(DC)(DT)(DG)(DG)(DT)(DA)(DC)(DG)(DA)(DC)(DA)(DT)(DT)(DT)(DT)(DT)(DC)(DC)(DA)
(DC)(DG)(DT)(DT)(DC)(DG)(DC)(DT)(DA)(DA)(DT)(DA)(DG)(DT)(DC)(DG)(DA)(DT)(DT)(DT)
(DT)(DA)(DT)(DC)(DC)(DA)(DT)(DG)(DC)(DA)
;
F
#